data_1YFN
#
_entry.id   1YFN
#
_cell.length_a   69.647
_cell.length_b   60.533
_cell.length_c   88.576
_cell.angle_alpha   90.00
_cell.angle_beta   94.62
_cell.angle_gamma   90.00
#
_symmetry.space_group_name_H-M   'P 1 21 1'
#
loop_
_entity.id
_entity.type
_entity.pdbx_description
1 polymer 'Stringent starvation protein B'
2 polymer 'Sigma-E factor negative regulatory protein'
3 water water
#
loop_
_entity_poly.entity_id
_entity_poly.type
_entity_poly.pdbx_seq_one_letter_code
_entity_poly.pdbx_strand_id
1 'polypeptide(L)'
;MDLSQLTPRRPYLLRAFYEWLLDNQLTPHLVVDVTLPGVQVPMEYARDGQIVLNIAPRAVGNLELANDEVRFNARFGGIP
RQVSVPLAAVLAIYARENGAGTMFEPEAAYDEDTSIMN
;
A,B,C,D
2 'polypeptide(L)' EAQPAPHQWQKMPFWQKVRPWAAQLTQMGVAA E,F,G,H
#
# COMPACT_ATOMS: atom_id res chain seq x y z
N LEU A 3 8.78 11.41 -36.58
CA LEU A 3 8.29 12.69 -37.17
C LEU A 3 8.00 13.70 -36.08
N SER A 4 8.30 14.96 -36.36
CA SER A 4 8.10 16.06 -35.40
C SER A 4 6.65 16.32 -35.06
N GLN A 5 5.72 15.69 -35.78
CA GLN A 5 4.30 15.90 -35.55
C GLN A 5 3.68 15.06 -34.43
N LEU A 6 4.39 14.03 -33.97
CA LEU A 6 3.84 13.19 -32.92
C LEU A 6 3.72 13.95 -31.60
N THR A 7 2.68 13.64 -30.83
CA THR A 7 2.48 14.30 -29.55
C THR A 7 3.54 13.82 -28.55
N PRO A 8 3.76 14.59 -27.48
CA PRO A 8 4.77 14.15 -26.51
C PRO A 8 4.36 12.89 -25.75
N ARG A 9 5.35 12.09 -25.39
CA ARG A 9 5.11 10.84 -24.66
C ARG A 9 4.99 11.07 -23.16
N ARG A 10 5.54 12.18 -22.66
CA ARG A 10 5.57 12.41 -21.22
C ARG A 10 4.33 12.08 -20.38
N PRO A 11 3.14 12.58 -20.78
CA PRO A 11 1.93 12.27 -20.00
C PRO A 11 1.68 10.78 -19.86
N TYR A 12 1.98 10.02 -20.90
CA TYR A 12 1.76 8.58 -20.85
C TYR A 12 2.74 7.88 -19.93
N LEU A 13 3.98 8.36 -19.91
CA LEU A 13 4.99 7.77 -19.04
C LEU A 13 4.66 8.13 -17.59
N LEU A 14 4.18 9.35 -17.38
CA LEU A 14 3.83 9.83 -16.05
C LEU A 14 2.73 8.95 -15.43
N ARG A 15 1.66 8.71 -16.19
CA ARG A 15 0.59 7.87 -15.69
C ARG A 15 1.09 6.43 -15.48
N ALA A 16 1.98 5.97 -16.35
CA ALA A 16 2.52 4.61 -16.24
C ALA A 16 3.32 4.44 -14.95
N PHE A 17 4.20 5.39 -14.66
CA PHE A 17 5.00 5.31 -13.45
C PHE A 17 4.15 5.53 -12.21
N TYR A 18 3.14 6.37 -12.32
CA TYR A 18 2.23 6.65 -11.20
C TYR A 18 1.57 5.33 -10.82
N GLU A 19 0.96 4.67 -11.80
CA GLU A 19 0.28 3.41 -11.56
C GLU A 19 1.22 2.34 -11.03
N TRP A 20 2.41 2.24 -11.62
CA TRP A 20 3.41 1.26 -11.22
C TRP A 20 3.85 1.47 -9.76
N LEU A 21 4.11 2.72 -9.39
CA LEU A 21 4.54 3.03 -8.03
C LEU A 21 3.45 2.69 -7.03
N LEU A 22 2.22 3.07 -7.33
CA LEU A 22 1.10 2.77 -6.44
C LEU A 22 0.88 1.27 -6.32
N ASP A 23 1.07 0.54 -7.41
CA ASP A 23 0.87 -0.91 -7.36
C ASP A 23 1.96 -1.59 -6.54
N ASN A 24 3.06 -0.90 -6.30
CA ASN A 24 4.15 -1.43 -5.48
C ASN A 24 4.01 -0.80 -4.08
N GLN A 25 2.85 -0.21 -3.84
CA GLN A 25 2.52 0.45 -2.57
C GLN A 25 3.55 1.52 -2.18
N LEU A 26 4.00 2.30 -3.16
CA LEU A 26 4.95 3.37 -2.91
C LEU A 26 4.18 4.70 -2.98
N THR A 27 4.85 5.79 -2.60
CA THR A 27 4.21 7.11 -2.59
C THR A 27 4.80 8.00 -3.67
N PRO A 28 4.14 8.07 -4.84
CA PRO A 28 4.63 8.90 -5.95
C PRO A 28 4.70 10.40 -5.69
N HIS A 29 5.84 10.99 -6.01
CA HIS A 29 6.06 12.41 -5.84
C HIS A 29 6.52 12.99 -7.18
N LEU A 30 6.06 14.20 -7.49
CA LEU A 30 6.47 14.86 -8.73
C LEU A 30 7.49 15.94 -8.41
N VAL A 31 8.49 16.09 -9.28
CA VAL A 31 9.47 17.15 -9.13
C VAL A 31 9.08 18.12 -10.22
N VAL A 32 8.80 19.37 -9.82
CA VAL A 32 8.33 20.39 -10.74
C VAL A 32 9.16 21.67 -10.84
N ASP A 33 9.30 22.16 -12.07
CA ASP A 33 10.01 23.40 -12.36
C ASP A 33 8.97 24.50 -12.28
N VAL A 34 8.98 25.28 -11.21
CA VAL A 34 8.00 26.34 -11.05
C VAL A 34 8.31 27.59 -11.86
N THR A 35 9.38 27.56 -12.63
CA THR A 35 9.78 28.72 -13.44
C THR A 35 9.02 28.85 -14.75
N LEU A 36 8.49 27.73 -15.24
CA LEU A 36 7.78 27.72 -16.52
C LEU A 36 6.40 28.35 -16.50
N PRO A 37 5.97 28.90 -17.65
CA PRO A 37 4.66 29.55 -17.78
C PRO A 37 3.52 28.59 -17.44
N GLY A 38 2.48 29.13 -16.81
CA GLY A 38 1.32 28.31 -16.47
C GLY A 38 1.34 27.56 -15.15
N VAL A 39 2.51 27.42 -14.52
CA VAL A 39 2.60 26.70 -13.26
C VAL A 39 1.85 27.43 -12.14
N GLN A 40 0.99 26.71 -11.44
CA GLN A 40 0.21 27.27 -10.34
C GLN A 40 0.41 26.43 -9.09
N VAL A 41 1.35 26.83 -8.25
CA VAL A 41 1.61 26.13 -7.00
C VAL A 41 1.88 27.15 -5.91
N PRO A 42 1.78 26.73 -4.62
CA PRO A 42 2.02 27.64 -3.50
C PRO A 42 3.53 27.93 -3.49
N MET A 43 3.93 29.06 -4.06
CA MET A 43 5.35 29.40 -4.14
C MET A 43 6.04 29.33 -2.78
N GLU A 44 5.26 29.46 -1.72
CA GLU A 44 5.76 29.40 -0.36
C GLU A 44 6.46 28.04 -0.12
N TYR A 45 6.08 27.04 -0.90
CA TYR A 45 6.68 25.71 -0.76
C TYR A 45 7.71 25.40 -1.82
N ALA A 46 8.00 26.37 -2.67
CA ALA A 46 8.99 26.19 -3.72
C ALA A 46 10.32 26.76 -3.26
N ARG A 47 11.42 26.17 -3.72
CA ARG A 47 12.77 26.62 -3.38
C ARG A 47 13.61 26.56 -4.64
N ASP A 48 14.37 27.62 -4.89
CA ASP A 48 15.24 27.71 -6.05
C ASP A 48 14.57 27.26 -7.34
N GLY A 49 13.35 27.73 -7.57
CA GLY A 49 12.62 27.41 -8.79
C GLY A 49 12.11 25.98 -8.95
N GLN A 50 11.97 25.26 -7.83
CA GLN A 50 11.48 23.88 -7.86
C GLN A 50 10.58 23.57 -6.69
N ILE A 51 9.74 22.56 -6.87
CA ILE A 51 8.85 22.11 -5.80
C ILE A 51 8.64 20.61 -5.99
N VAL A 52 8.41 19.89 -4.88
CA VAL A 52 8.16 18.46 -4.90
C VAL A 52 6.74 18.29 -4.37
N LEU A 53 5.92 17.56 -5.12
CA LEU A 53 4.53 17.35 -4.75
C LEU A 53 4.20 15.87 -4.58
N ASN A 54 3.50 15.54 -3.49
CA ASN A 54 3.08 14.17 -3.22
C ASN A 54 1.73 13.99 -3.94
N ILE A 55 1.66 13.11 -4.93
CA ILE A 55 0.40 12.94 -5.63
C ILE A 55 -0.29 11.62 -5.32
N ALA A 56 0.09 10.99 -4.20
CA ALA A 56 -0.55 9.74 -3.80
C ALA A 56 -1.98 10.13 -3.38
N PRO A 57 -2.93 9.18 -3.50
CA PRO A 57 -4.33 9.45 -3.15
C PRO A 57 -4.60 10.10 -1.78
N ARG A 58 -3.86 9.72 -0.75
CA ARG A 58 -4.11 10.29 0.57
C ARG A 58 -3.62 11.72 0.73
N ALA A 59 -2.81 12.19 -0.22
CA ALA A 59 -2.27 13.55 -0.16
C ALA A 59 -2.93 14.52 -1.14
N VAL A 60 -3.83 14.03 -1.98
CA VAL A 60 -4.46 14.92 -2.94
C VAL A 60 -5.94 14.64 -3.12
N GLY A 61 -6.62 15.61 -3.71
CA GLY A 61 -8.03 15.46 -4.00
C GLY A 61 -8.27 15.91 -5.42
N ASN A 62 -9.26 15.30 -6.07
CA ASN A 62 -9.63 15.67 -7.43
C ASN A 62 -8.47 15.62 -8.41
N LEU A 63 -7.63 14.60 -8.28
CA LEU A 63 -6.46 14.45 -9.14
C LEU A 63 -6.78 14.12 -10.58
N GLU A 64 -6.12 14.83 -11.48
CA GLU A 64 -6.30 14.59 -12.91
C GLU A 64 -4.92 14.61 -13.54
N LEU A 65 -4.56 13.48 -14.16
CA LEU A 65 -3.27 13.35 -14.83
C LEU A 65 -3.60 13.38 -16.31
N ALA A 66 -3.83 14.59 -16.82
CA ALA A 66 -4.18 14.77 -18.22
C ALA A 66 -2.94 14.89 -19.11
N ASN A 67 -3.14 15.00 -20.41
CA ASN A 67 -2.00 15.12 -21.31
C ASN A 67 -1.34 16.50 -21.27
N ASP A 68 -2.14 17.54 -21.08
CA ASP A 68 -1.63 18.92 -21.05
C ASP A 68 -1.15 19.36 -19.67
N GLU A 69 -1.78 18.89 -18.60
CA GLU A 69 -1.37 19.29 -17.27
C GLU A 69 -1.82 18.35 -16.15
N VAL A 70 -1.21 18.50 -14.99
CA VAL A 70 -1.57 17.72 -13.82
C VAL A 70 -2.29 18.71 -12.90
N ARG A 71 -3.48 18.34 -12.43
CA ARG A 71 -4.23 19.23 -11.55
C ARG A 71 -4.75 18.46 -10.36
N PHE A 72 -4.82 19.13 -9.22
CA PHE A 72 -5.33 18.52 -8.00
C PHE A 72 -5.39 19.58 -6.92
N ASN A 73 -6.06 19.25 -5.82
CA ASN A 73 -6.14 20.12 -4.65
C ASN A 73 -5.34 19.40 -3.57
N ALA A 74 -4.68 20.15 -2.70
CA ALA A 74 -3.92 19.54 -1.62
C ALA A 74 -3.80 20.53 -0.49
N ARG A 75 -3.33 20.06 0.66
CA ARG A 75 -3.15 20.92 1.82
C ARG A 75 -1.69 21.23 2.07
N PHE A 76 -1.36 22.52 2.12
CA PHE A 76 0.01 22.96 2.37
C PHE A 76 0.02 23.70 3.69
N GLY A 77 0.55 23.07 4.73
CA GLY A 77 0.58 23.72 6.04
C GLY A 77 -0.82 23.93 6.58
N GLY A 78 -1.74 23.03 6.23
CA GLY A 78 -3.10 23.14 6.71
C GLY A 78 -4.06 23.87 5.79
N ILE A 79 -3.53 24.70 4.89
CA ILE A 79 -4.38 25.44 3.97
C ILE A 79 -4.56 24.71 2.63
N PRO A 80 -5.82 24.39 2.28
CA PRO A 80 -6.12 23.70 1.01
C PRO A 80 -5.86 24.64 -0.16
N ARG A 81 -5.22 24.12 -1.20
CA ARG A 81 -4.91 24.93 -2.37
C ARG A 81 -5.06 24.16 -3.68
N GLN A 82 -5.36 24.90 -4.73
CA GLN A 82 -5.51 24.29 -6.06
C GLN A 82 -4.17 24.36 -6.79
N VAL A 83 -3.74 23.22 -7.30
CA VAL A 83 -2.47 23.10 -8.01
C VAL A 83 -2.73 22.78 -9.47
N SER A 84 -1.94 23.37 -10.36
CA SER A 84 -2.08 23.13 -11.79
C SER A 84 -0.68 23.23 -12.40
N VAL A 85 -0.22 22.15 -13.01
CA VAL A 85 1.12 22.12 -13.57
C VAL A 85 1.20 21.59 -15.00
N PRO A 86 1.64 22.42 -15.95
CA PRO A 86 1.74 21.93 -17.34
C PRO A 86 2.75 20.80 -17.40
N LEU A 87 2.50 19.81 -18.26
CA LEU A 87 3.39 18.67 -18.38
C LEU A 87 4.82 19.07 -18.63
N ALA A 88 5.01 20.19 -19.33
CA ALA A 88 6.36 20.67 -19.63
C ALA A 88 7.17 20.92 -18.35
N ALA A 89 6.47 21.30 -17.29
CA ALA A 89 7.12 21.61 -16.00
C ALA A 89 7.31 20.40 -15.07
N VAL A 90 6.79 19.24 -15.45
CA VAL A 90 6.98 18.05 -14.64
C VAL A 90 8.29 17.41 -15.07
N LEU A 91 9.29 17.53 -14.21
CA LEU A 91 10.63 17.02 -14.46
C LEU A 91 10.82 15.53 -14.23
N ALA A 92 10.18 15.01 -13.18
CA ALA A 92 10.35 13.60 -12.86
C ALA A 92 9.30 13.12 -11.88
N ILE A 93 9.25 11.80 -11.69
CA ILE A 93 8.33 11.20 -10.74
C ILE A 93 9.11 10.12 -9.97
N TYR A 94 9.10 10.22 -8.65
CA TYR A 94 9.83 9.28 -7.82
C TYR A 94 9.04 8.89 -6.56
N ALA A 95 9.33 7.70 -6.05
CA ALA A 95 8.71 7.20 -4.83
C ALA A 95 9.47 7.82 -3.66
N ARG A 96 8.74 8.26 -2.64
CA ARG A 96 9.38 8.86 -1.50
C ARG A 96 10.22 7.84 -0.72
N GLU A 97 9.69 6.64 -0.59
CA GLU A 97 10.39 5.62 0.18
C GLU A 97 11.74 5.11 -0.32
N ASN A 98 11.94 5.04 -1.63
CA ASN A 98 13.21 4.52 -2.13
C ASN A 98 13.77 5.19 -3.38
N GLY A 99 13.11 6.24 -3.84
CA GLY A 99 13.60 6.93 -5.02
C GLY A 99 13.34 6.22 -6.34
N ALA A 100 12.57 5.15 -6.33
CA ALA A 100 12.27 4.43 -7.57
C ALA A 100 11.44 5.36 -8.43
N GLY A 101 11.76 5.42 -9.73
CA GLY A 101 11.01 6.28 -10.62
C GLY A 101 11.85 6.70 -11.81
N THR A 102 11.61 7.90 -12.33
CA THR A 102 12.37 8.36 -13.48
C THR A 102 12.34 9.86 -13.69
N MET A 103 13.40 10.34 -14.35
CA MET A 103 13.55 11.73 -14.74
C MET A 103 13.11 11.66 -16.20
N PHE A 104 12.08 12.40 -16.58
CA PHE A 104 11.59 12.34 -17.95
C PHE A 104 12.55 12.85 -19.01
N GLU A 105 12.53 12.19 -20.16
CA GLU A 105 13.35 12.54 -21.32
C GLU A 105 12.92 13.90 -21.84
N PRO A 106 13.86 14.66 -22.44
CA PRO A 106 13.46 15.97 -22.97
C PRO A 106 12.48 15.77 -24.14
N GLU A 107 11.62 16.77 -24.38
CA GLU A 107 10.62 16.69 -25.44
C GLU A 107 10.69 17.91 -26.34
N ALA A 108 10.79 17.68 -27.64
CA ALA A 108 10.85 18.77 -28.60
C ALA A 108 9.66 19.70 -28.41
N ALA A 109 8.49 19.12 -28.15
CA ALA A 109 7.27 19.90 -27.96
C ALA A 109 7.32 20.85 -26.76
N TYR A 110 8.16 20.55 -25.78
CA TYR A 110 8.27 21.38 -24.58
C TYR A 110 9.38 22.42 -24.66
N ASP A 111 10.42 22.12 -25.43
CA ASP A 111 11.55 23.03 -25.57
C ASP A 111 11.14 24.33 -26.25
N GLN B 5 12.33 -7.47 -5.71
CA GLN B 5 11.46 -6.67 -4.79
C GLN B 5 10.31 -5.99 -5.54
N LEU B 6 10.62 -4.89 -6.22
CA LEU B 6 9.62 -4.16 -6.98
C LEU B 6 9.22 -4.93 -8.23
N THR B 7 7.94 -4.88 -8.59
CA THR B 7 7.45 -5.56 -9.78
C THR B 7 8.06 -4.92 -11.03
N PRO B 8 7.98 -5.61 -12.18
CA PRO B 8 8.52 -5.12 -13.46
C PRO B 8 7.77 -3.88 -13.94
N ARG B 9 8.47 -2.98 -14.62
CA ARG B 9 7.86 -1.76 -15.14
C ARG B 9 7.27 -2.02 -16.54
N ARG B 10 7.91 -2.92 -17.26
CA ARG B 10 7.54 -3.26 -18.64
C ARG B 10 6.05 -3.23 -19.02
N PRO B 11 5.18 -3.97 -18.31
CA PRO B 11 3.78 -3.91 -18.71
C PRO B 11 3.15 -2.53 -18.64
N TYR B 12 3.63 -1.69 -17.73
CA TYR B 12 3.08 -0.34 -17.61
C TYR B 12 3.58 0.51 -18.77
N LEU B 13 4.85 0.32 -19.13
CA LEU B 13 5.46 1.05 -20.22
C LEU B 13 4.85 0.58 -21.54
N LEU B 14 4.54 -0.71 -21.63
CA LEU B 14 3.93 -1.27 -22.83
C LEU B 14 2.57 -0.60 -23.08
N ARG B 15 1.72 -0.58 -22.06
CA ARG B 15 0.42 0.04 -22.19
C ARG B 15 0.52 1.53 -22.52
N ALA B 16 1.51 2.20 -21.94
CA ALA B 16 1.71 3.62 -22.20
C ALA B 16 2.06 3.90 -23.66
N PHE B 17 3.01 3.15 -24.20
CA PHE B 17 3.41 3.34 -25.60
C PHE B 17 2.30 2.90 -26.54
N TYR B 18 1.56 1.87 -26.16
CA TYR B 18 0.45 1.40 -26.98
C TYR B 18 -0.53 2.57 -27.13
N GLU B 19 -0.96 3.13 -26.01
CA GLU B 19 -1.89 4.26 -26.01
C GLU B 19 -1.35 5.47 -26.78
N TRP B 20 -0.08 5.77 -26.56
CA TRP B 20 0.55 6.91 -27.23
C TRP B 20 0.59 6.74 -28.74
N LEU B 21 0.91 5.54 -29.22
CA LEU B 21 0.97 5.31 -30.65
C LEU B 21 -0.43 5.42 -31.26
N LEU B 22 -1.41 4.79 -30.63
CA LEU B 22 -2.77 4.86 -31.15
C LEU B 22 -3.31 6.28 -31.12
N ASP B 23 -2.94 7.04 -30.10
CA ASP B 23 -3.42 8.41 -30.02
C ASP B 23 -2.81 9.29 -31.11
N ASN B 24 -1.80 8.77 -31.79
CA ASN B 24 -1.17 9.49 -32.90
C ASN B 24 -1.53 8.82 -34.21
N GLN B 25 -2.58 7.99 -34.16
CA GLN B 25 -3.07 7.26 -35.33
C GLN B 25 -2.00 6.40 -35.99
N LEU B 26 -1.16 5.76 -35.17
CA LEU B 26 -0.13 4.89 -35.70
C LEU B 26 -0.54 3.45 -35.43
N THR B 27 0.17 2.50 -36.03
CA THR B 27 -0.17 1.09 -35.89
C THR B 27 0.84 0.34 -35.05
N PRO B 28 0.55 0.15 -33.76
CA PRO B 28 1.47 -0.56 -32.86
C PRO B 28 1.71 -2.03 -33.16
N HIS B 29 2.99 -2.39 -33.20
CA HIS B 29 3.41 -3.76 -33.45
C HIS B 29 4.37 -4.19 -32.35
N LEU B 30 4.29 -5.44 -31.94
CA LEU B 30 5.19 -5.95 -30.91
C LEU B 30 6.25 -6.83 -31.55
N VAL B 31 7.45 -6.80 -30.97
CA VAL B 31 8.53 -7.65 -31.42
C VAL B 31 8.66 -8.60 -30.24
N VAL B 32 8.54 -9.89 -30.53
CA VAL B 32 8.56 -10.91 -29.48
C VAL B 32 9.66 -11.95 -29.66
N ASP B 33 10.25 -12.36 -28.55
CA ASP B 33 11.30 -13.39 -28.52
C ASP B 33 10.52 -14.70 -28.34
N VAL B 34 10.45 -15.51 -29.38
CA VAL B 34 9.67 -16.75 -29.30
C VAL B 34 10.35 -17.91 -28.58
N THR B 35 11.50 -17.68 -27.96
CA THR B 35 12.21 -18.75 -27.25
C THR B 35 11.85 -18.84 -25.77
N LEU B 36 11.15 -17.84 -25.25
CA LEU B 36 10.75 -17.85 -23.84
C LEU B 36 9.67 -18.89 -23.56
N PRO B 37 9.75 -19.55 -22.39
CA PRO B 37 8.73 -20.55 -22.09
C PRO B 37 7.37 -19.85 -21.94
N GLY B 38 6.32 -20.50 -22.40
CA GLY B 38 5.01 -19.91 -22.29
C GLY B 38 4.56 -19.09 -23.49
N VAL B 39 5.45 -18.85 -24.45
CA VAL B 39 5.05 -18.08 -25.62
C VAL B 39 4.11 -18.95 -26.46
N GLN B 40 2.95 -18.42 -26.82
CA GLN B 40 1.99 -19.15 -27.63
C GLN B 40 1.66 -18.36 -28.90
N VAL B 41 2.44 -18.59 -29.95
CA VAL B 41 2.20 -17.90 -31.22
C VAL B 41 2.32 -18.89 -32.36
N PRO B 42 1.81 -18.54 -33.55
CA PRO B 42 1.96 -19.52 -34.63
C PRO B 42 3.42 -19.48 -35.07
N MET B 43 4.18 -20.50 -34.68
CA MET B 43 5.61 -20.54 -35.00
C MET B 43 5.97 -20.50 -36.48
N GLU B 44 5.03 -20.83 -37.37
CA GLU B 44 5.32 -20.77 -38.81
C GLU B 44 5.62 -19.33 -39.18
N TYR B 45 5.10 -18.40 -38.37
CA TYR B 45 5.27 -16.98 -38.62
C TYR B 45 6.52 -16.39 -37.95
N ALA B 46 7.22 -17.19 -37.17
CA ALA B 46 8.42 -16.72 -36.49
C ALA B 46 9.65 -16.99 -37.35
N ARG B 47 10.67 -16.15 -37.20
CA ARG B 47 11.91 -16.32 -37.96
C ARG B 47 13.08 -15.91 -37.08
N ASP B 48 14.09 -16.78 -37.04
CA ASP B 48 15.30 -16.53 -36.26
C ASP B 48 15.04 -16.09 -34.82
N GLY B 49 14.18 -16.84 -34.14
CA GLY B 49 13.89 -16.57 -32.75
C GLY B 49 12.90 -15.46 -32.42
N GLN B 50 12.36 -14.79 -33.43
CA GLN B 50 11.40 -13.74 -33.15
C GLN B 50 10.22 -13.70 -34.10
N ILE B 51 9.21 -12.93 -33.71
CA ILE B 51 8.00 -12.75 -34.50
C ILE B 51 7.50 -11.33 -34.26
N VAL B 52 6.79 -10.77 -35.24
CA VAL B 52 6.26 -9.43 -35.11
C VAL B 52 4.74 -9.57 -35.16
N LEU B 53 4.06 -8.95 -34.21
CA LEU B 53 2.60 -9.02 -34.13
C LEU B 53 1.94 -7.65 -34.22
N ASN B 54 0.92 -7.55 -35.03
CA ASN B 54 0.18 -6.30 -35.19
C ASN B 54 -0.89 -6.30 -34.10
N ILE B 55 -0.79 -5.37 -33.15
CA ILE B 55 -1.80 -5.33 -32.10
C ILE B 55 -2.73 -4.12 -32.18
N ALA B 56 -2.81 -3.50 -33.35
CA ALA B 56 -3.72 -2.37 -33.52
C ALA B 56 -5.14 -2.95 -33.46
N PRO B 57 -6.11 -2.12 -33.04
CA PRO B 57 -7.52 -2.52 -32.93
C PRO B 57 -8.05 -3.30 -34.14
N ARG B 58 -7.68 -2.83 -35.31
CA ARG B 58 -8.09 -3.40 -36.58
C ARG B 58 -7.66 -4.85 -36.82
N ALA B 59 -6.54 -5.24 -36.23
CA ALA B 59 -6.01 -6.58 -36.44
C ALA B 59 -6.17 -7.54 -35.28
N VAL B 60 -6.79 -7.10 -34.20
CA VAL B 60 -6.93 -7.99 -33.06
C VAL B 60 -8.32 -7.95 -32.43
N GLY B 61 -8.62 -9.00 -31.68
CA GLY B 61 -9.89 -9.09 -30.98
C GLY B 61 -9.59 -9.44 -29.54
N ASN B 62 -10.40 -8.95 -28.61
CA ASN B 62 -10.22 -9.23 -27.19
C ASN B 62 -8.79 -8.99 -26.68
N LEU B 63 -8.20 -7.85 -27.05
CA LEU B 63 -6.84 -7.56 -26.62
C LEU B 63 -6.73 -7.28 -25.13
N GLU B 64 -5.77 -7.94 -24.48
CA GLU B 64 -5.52 -7.74 -23.06
C GLU B 64 -4.05 -7.46 -22.89
N LEU B 65 -3.72 -6.28 -22.38
CA LEU B 65 -2.33 -5.93 -22.13
C LEU B 65 -2.22 -5.99 -20.61
N ALA B 66 -2.07 -7.21 -20.09
CA ALA B 66 -1.98 -7.44 -18.66
C ALA B 66 -0.54 -7.40 -18.18
N ASN B 67 -0.36 -7.48 -16.87
CA ASN B 67 0.99 -7.44 -16.33
C ASN B 67 1.77 -8.73 -16.57
N ASP B 68 1.06 -9.86 -16.60
CA ASP B 68 1.71 -11.15 -16.80
C ASP B 68 1.91 -11.49 -18.28
N GLU B 69 0.92 -11.19 -19.11
CA GLU B 69 1.05 -11.48 -20.53
C GLU B 69 0.15 -10.64 -21.42
N VAL B 70 0.43 -10.69 -22.72
CA VAL B 70 -0.37 -10.00 -23.72
C VAL B 70 -1.20 -11.11 -24.33
N ARG B 71 -2.51 -10.92 -24.40
CA ARG B 71 -3.37 -11.96 -24.99
C ARG B 71 -4.33 -11.34 -26.01
N PHE B 72 -4.61 -12.08 -27.07
CA PHE B 72 -5.53 -11.58 -28.09
C PHE B 72 -5.78 -12.62 -29.19
N ASN B 73 -6.86 -12.42 -29.93
CA ASN B 73 -7.18 -13.31 -31.04
C ASN B 73 -6.82 -12.54 -32.30
N ALA B 74 -6.33 -13.26 -33.30
CA ALA B 74 -5.94 -12.60 -34.54
C ALA B 74 -6.06 -13.58 -35.70
N ARG B 75 -5.94 -13.08 -36.91
CA ARG B 75 -6.03 -13.95 -38.08
C ARG B 75 -4.66 -14.07 -38.74
N PHE B 76 -4.21 -15.31 -38.92
CA PHE B 76 -2.94 -15.58 -39.57
C PHE B 76 -3.28 -16.37 -40.83
N GLY B 77 -3.14 -15.72 -41.98
CA GLY B 77 -3.49 -16.40 -43.22
C GLY B 77 -5.01 -16.46 -43.25
N GLY B 78 -5.57 -17.65 -43.43
CA GLY B 78 -7.03 -17.74 -43.45
C GLY B 78 -7.57 -18.36 -42.17
N ILE B 79 -6.75 -18.36 -41.13
CA ILE B 79 -7.12 -19.00 -39.87
C ILE B 79 -7.08 -18.16 -38.59
N PRO B 80 -8.18 -18.14 -37.83
CA PRO B 80 -8.22 -17.35 -36.58
C PRO B 80 -7.34 -18.11 -35.58
N ARG B 81 -6.53 -17.39 -34.82
CA ARG B 81 -5.64 -18.02 -33.85
C ARG B 81 -5.66 -17.23 -32.56
N GLN B 82 -5.42 -17.89 -31.44
CA GLN B 82 -5.37 -17.19 -30.16
C GLN B 82 -3.90 -17.05 -29.79
N VAL B 83 -3.50 -15.86 -29.38
CA VAL B 83 -2.11 -15.58 -29.04
C VAL B 83 -1.94 -15.24 -27.57
N SER B 84 -0.82 -15.70 -27.01
CA SER B 84 -0.52 -15.42 -25.61
C SER B 84 1.00 -15.27 -25.48
N VAL B 85 1.44 -14.10 -25.03
CA VAL B 85 2.87 -13.83 -24.92
C VAL B 85 3.24 -13.34 -23.53
N PRO B 86 4.15 -14.05 -22.85
CA PRO B 86 4.54 -13.60 -21.52
C PRO B 86 5.24 -12.25 -21.67
N LEU B 87 5.04 -11.35 -20.72
CA LEU B 87 5.68 -10.04 -20.79
C LEU B 87 7.19 -10.14 -20.94
N ALA B 88 7.76 -11.16 -20.32
CA ALA B 88 9.21 -11.37 -20.39
C ALA B 88 9.67 -11.51 -21.84
N ALA B 89 8.77 -11.99 -22.71
CA ALA B 89 9.12 -12.21 -24.11
C ALA B 89 8.91 -11.00 -25.03
N VAL B 90 8.31 -9.92 -24.50
CA VAL B 90 8.07 -8.73 -25.31
C VAL B 90 9.33 -7.88 -25.35
N LEU B 91 9.95 -7.83 -26.52
CA LEU B 91 11.20 -7.09 -26.69
C LEU B 91 11.01 -5.60 -26.97
N ALA B 92 9.96 -5.28 -27.72
CA ALA B 92 9.73 -3.89 -28.09
C ALA B 92 8.37 -3.67 -28.70
N ILE B 93 8.01 -2.39 -28.84
CA ILE B 93 6.75 -1.98 -29.44
C ILE B 93 7.08 -0.82 -30.37
N TYR B 94 6.69 -0.95 -31.63
CA TYR B 94 6.97 0.09 -32.63
C TYR B 94 5.80 0.32 -33.56
N ALA B 95 5.75 1.54 -34.11
CA ALA B 95 4.72 1.89 -35.09
C ALA B 95 5.20 1.32 -36.44
N ARG B 96 4.31 0.64 -37.14
CA ARG B 96 4.65 0.06 -38.43
C ARG B 96 5.04 1.14 -39.45
N GLU B 97 4.38 2.29 -39.38
CA GLU B 97 4.66 3.31 -40.36
C GLU B 97 5.98 4.08 -40.26
N ASN B 98 6.51 4.25 -39.06
CA ASN B 98 7.75 5.04 -38.94
C ASN B 98 8.74 4.59 -37.89
N GLY B 99 8.49 3.44 -37.27
CA GLY B 99 9.42 2.94 -36.26
C GLY B 99 9.40 3.65 -34.93
N ALA B 100 8.45 4.55 -34.71
CA ALA B 100 8.36 5.26 -33.43
C ALA B 100 8.08 4.21 -32.37
N GLY B 101 8.68 4.36 -31.18
CA GLY B 101 8.45 3.37 -30.15
C GLY B 101 9.66 3.13 -29.28
N THR B 102 9.73 1.96 -28.66
CA THR B 102 10.85 1.66 -27.78
C THR B 102 11.17 0.18 -27.61
N MET B 103 12.44 -0.09 -27.36
CA MET B 103 12.92 -1.44 -27.10
C MET B 103 12.98 -1.47 -25.57
N PHE B 104 12.37 -2.48 -24.96
CA PHE B 104 12.35 -2.57 -23.51
C PHE B 104 13.66 -3.07 -22.90
N GLU B 105 14.08 -2.44 -21.81
CA GLU B 105 15.31 -2.84 -21.15
C GLU B 105 15.03 -4.03 -20.24
N PRO B 106 16.05 -4.84 -19.97
CA PRO B 106 15.86 -6.01 -19.10
C PRO B 106 15.50 -5.59 -17.68
N GLU B 107 14.91 -6.53 -16.93
CA GLU B 107 14.53 -6.26 -15.55
C GLU B 107 14.74 -7.53 -14.72
N ALA B 108 15.00 -7.34 -13.43
CA ALA B 108 15.24 -8.44 -12.49
C ALA B 108 14.23 -9.58 -12.56
N ALA B 109 12.95 -9.24 -12.45
CA ALA B 109 11.88 -10.24 -12.46
C ALA B 109 11.95 -11.18 -13.67
N TYR B 110 12.48 -10.70 -14.78
CA TYR B 110 12.58 -11.52 -15.98
C TYR B 110 13.94 -12.21 -16.06
N ASP B 111 13.90 -13.55 -16.02
CA ASP B 111 15.12 -14.37 -16.08
C ASP B 111 15.19 -15.14 -17.39
N GLN C 5 6.40 -7.74 3.85
CA GLN C 5 5.30 -8.59 3.33
C GLN C 5 3.96 -8.31 4.00
N LEU C 6 3.82 -8.73 5.25
CA LEU C 6 2.58 -8.51 6.01
C LEU C 6 2.45 -7.04 6.38
N THR C 7 1.21 -6.55 6.46
CA THR C 7 0.98 -5.14 6.80
C THR C 7 1.47 -4.84 8.22
N PRO C 8 1.73 -3.55 8.52
CA PRO C 8 2.21 -3.25 9.88
C PRO C 8 1.12 -3.47 10.92
N ARG C 9 1.53 -3.81 12.14
CA ARG C 9 0.59 -4.06 13.23
C ARG C 9 0.15 -2.78 13.96
N ARG C 10 0.98 -1.74 13.91
CA ARG C 10 0.69 -0.50 14.65
C ARG C 10 -0.76 -0.01 14.73
N PRO C 11 -1.46 0.13 13.59
CA PRO C 11 -2.85 0.60 13.59
C PRO C 11 -3.75 -0.26 14.46
N TYR C 12 -3.51 -1.57 14.43
CA TYR C 12 -4.30 -2.50 15.22
C TYR C 12 -4.01 -2.33 16.71
N LEU C 13 -2.74 -2.19 17.06
CA LEU C 13 -2.35 -2.02 18.45
C LEU C 13 -2.85 -0.66 18.94
N LEU C 14 -2.84 0.33 18.06
CA LEU C 14 -3.32 1.65 18.43
C LEU C 14 -4.79 1.58 18.82
N ARG C 15 -5.61 0.95 17.98
CA ARG C 15 -7.03 0.83 18.28
C ARG C 15 -7.25 0.01 19.55
N ALA C 16 -6.41 -1.01 19.76
CA ALA C 16 -6.53 -1.86 20.95
C ALA C 16 -6.29 -1.06 22.23
N PHE C 17 -5.17 -0.34 22.28
CA PHE C 17 -4.86 0.46 23.45
C PHE C 17 -5.84 1.60 23.66
N TYR C 18 -6.36 2.14 22.55
CA TYR C 18 -7.33 3.22 22.62
C TYR C 18 -8.59 2.70 23.33
N GLU C 19 -9.11 1.56 22.87
CA GLU C 19 -10.30 0.97 23.47
C GLU C 19 -10.05 0.60 24.92
N TRP C 20 -8.88 0.02 25.20
CA TRP C 20 -8.50 -0.40 26.54
C TRP C 20 -8.48 0.77 27.52
N LEU C 21 -7.87 1.87 27.13
CA LEU C 21 -7.80 3.05 27.98
C LEU C 21 -9.19 3.61 28.27
N LEU C 22 -10.00 3.75 27.22
CA LEU C 22 -11.36 4.27 27.39
C LEU C 22 -12.19 3.37 28.30
N ASP C 23 -12.01 2.05 28.20
CA ASP C 23 -12.76 1.14 29.04
C ASP C 23 -12.30 1.18 30.50
N ASN C 24 -11.18 1.86 30.73
CA ASN C 24 -10.66 2.03 32.08
C ASN C 24 -10.89 3.48 32.52
N GLN C 25 -11.79 4.16 31.81
CA GLN C 25 -12.13 5.56 32.08
C GLN C 25 -10.91 6.47 32.09
N LEU C 26 -9.97 6.20 31.19
CA LEU C 26 -8.78 7.02 31.08
C LEU C 26 -8.88 7.86 29.81
N THR C 27 -8.03 8.87 29.69
CA THR C 27 -8.08 9.77 28.54
C THR C 27 -6.87 9.52 27.62
N PRO C 28 -7.08 8.75 26.54
CA PRO C 28 -5.99 8.45 25.61
C PRO C 28 -5.42 9.65 24.87
N HIS C 29 -4.09 9.74 24.89
CA HIS C 29 -3.36 10.80 24.20
C HIS C 29 -2.31 10.17 23.29
N LEU C 30 -2.10 10.77 22.13
CA LEU C 30 -1.08 10.26 21.21
C LEU C 30 0.14 11.17 21.26
N VAL C 31 1.32 10.57 21.14
CA VAL C 31 2.56 11.34 21.10
C VAL C 31 2.94 11.18 19.64
N VAL C 32 3.10 12.30 18.95
CA VAL C 32 3.41 12.31 17.52
C VAL C 32 4.70 13.01 17.13
N ASP C 33 5.40 12.43 16.16
CA ASP C 33 6.65 12.99 15.63
C ASP C 33 6.20 13.88 14.46
N VAL C 34 6.23 15.19 14.66
CA VAL C 34 5.77 16.11 13.62
C VAL C 34 6.80 16.38 12.53
N THR C 35 7.98 15.79 12.65
CA THR C 35 9.03 16.01 11.67
C THR C 35 8.87 15.14 10.41
N LEU C 36 8.03 14.12 10.50
CA LEU C 36 7.81 13.21 9.38
C LEU C 36 6.90 13.81 8.32
N PRO C 37 7.25 13.62 7.03
CA PRO C 37 6.44 14.15 5.94
C PRO C 37 4.98 13.72 6.08
N GLY C 38 4.06 14.63 5.79
CA GLY C 38 2.65 14.28 5.85
C GLY C 38 1.89 14.66 7.11
N VAL C 39 2.59 14.85 8.22
CA VAL C 39 1.90 15.20 9.45
C VAL C 39 1.24 16.56 9.31
N GLN C 40 -0.07 16.59 9.56
CA GLN C 40 -0.84 17.82 9.48
C GLN C 40 -1.42 18.16 10.85
N VAL C 41 -0.77 19.10 11.55
CA VAL C 41 -1.23 19.55 12.86
C VAL C 41 -0.82 21.02 13.01
N PRO C 42 -1.41 21.73 13.99
CA PRO C 42 -1.03 23.14 14.17
C PRO C 42 0.38 23.11 14.76
N MET C 43 1.39 23.39 13.94
CA MET C 43 2.78 23.32 14.40
C MET C 43 3.11 24.21 15.59
N GLU C 44 2.30 25.25 15.79
CA GLU C 44 2.49 26.17 16.91
C GLU C 44 2.28 25.44 18.24
N TYR C 45 1.57 24.31 18.19
CA TYR C 45 1.32 23.51 19.38
C TYR C 45 2.36 22.42 19.58
N ALA C 46 3.27 22.30 18.62
CA ALA C 46 4.32 21.29 18.72
C ALA C 46 5.57 21.92 19.34
N ARG C 47 6.42 21.09 19.91
CA ARG C 47 7.66 21.57 20.52
C ARG C 47 8.72 20.49 20.39
N ASP C 48 9.93 20.89 20.01
CA ASP C 48 11.04 19.96 19.86
C ASP C 48 10.73 18.76 18.97
N GLY C 49 10.00 18.99 17.88
CA GLY C 49 9.69 17.89 16.97
C GLY C 49 8.60 16.92 17.37
N GLN C 50 7.85 17.24 18.42
CA GLN C 50 6.77 16.39 18.88
C GLN C 50 5.53 17.19 19.27
N ILE C 51 4.39 16.52 19.31
CA ILE C 51 3.13 17.13 19.72
C ILE C 51 2.32 16.05 20.42
N VAL C 52 1.54 16.44 21.42
CA VAL C 52 0.69 15.50 22.14
C VAL C 52 -0.74 15.88 21.79
N LEU C 53 -1.54 14.88 21.40
CA LEU C 53 -2.92 15.12 21.02
C LEU C 53 -3.87 14.27 21.85
N ASN C 54 -4.93 14.90 22.33
CA ASN C 54 -5.95 14.21 23.12
C ASN C 54 -6.93 13.61 22.12
N ILE C 55 -7.08 12.29 22.10
CA ILE C 55 -8.03 11.68 21.17
C ILE C 55 -9.27 11.07 21.82
N ALA C 56 -9.53 11.44 23.06
CA ALA C 56 -10.73 10.96 23.74
C ALA C 56 -11.92 11.61 23.01
N PRO C 57 -13.09 10.96 23.01
CA PRO C 57 -14.28 11.50 22.34
C PRO C 57 -14.62 12.97 22.58
N ARG C 58 -14.48 13.43 23.82
CA ARG C 58 -14.79 14.83 24.16
C ARG C 58 -13.89 15.82 23.43
N ALA C 59 -12.67 15.39 23.14
CA ALA C 59 -11.69 16.26 22.49
C ALA C 59 -11.59 16.14 20.97
N VAL C 60 -12.40 15.29 20.36
CA VAL C 60 -12.33 15.12 18.91
C VAL C 60 -13.65 15.04 18.18
N GLY C 61 -13.61 15.29 16.88
CA GLY C 61 -14.78 15.22 16.04
C GLY C 61 -14.45 14.34 14.84
N ASN C 62 -15.33 13.41 14.52
CA ASN C 62 -15.15 12.50 13.39
C ASN C 62 -13.82 11.77 13.41
N LEU C 63 -13.49 11.20 14.57
CA LEU C 63 -12.24 10.48 14.73
C LEU C 63 -12.20 9.22 13.88
N GLU C 64 -11.11 9.07 13.13
CA GLU C 64 -10.90 7.90 12.29
C GLU C 64 -9.55 7.31 12.63
N LEU C 65 -9.55 6.13 13.23
CA LEU C 65 -8.28 5.46 13.54
C LEU C 65 -8.11 4.45 12.42
N ALA C 66 -7.72 4.94 11.24
CA ALA C 66 -7.55 4.09 10.09
C ALA C 66 -6.19 3.40 10.10
N ASN C 67 -5.97 2.50 9.15
CA ASN C 67 -4.70 1.82 9.10
C ASN C 67 -3.58 2.69 8.53
N ASP C 68 -3.96 3.65 7.68
CA ASP C 68 -2.97 4.53 7.06
C ASP C 68 -2.69 5.82 7.85
N GLU C 69 -3.73 6.39 8.44
CA GLU C 69 -3.56 7.60 9.22
C GLU C 69 -4.64 7.78 10.27
N VAL C 70 -4.34 8.64 11.22
CA VAL C 70 -5.29 8.99 12.26
C VAL C 70 -5.84 10.33 11.82
N ARG C 71 -7.15 10.43 11.66
CA ARG C 71 -7.77 11.69 11.21
C ARG C 71 -8.87 12.15 12.17
N PHE C 72 -8.98 13.45 12.38
CA PHE C 72 -10.03 14.00 13.24
C PHE C 72 -9.98 15.53 13.30
N ASN C 73 -11.11 16.12 13.66
CA ASN C 73 -11.19 17.56 13.82
C ASN C 73 -11.03 17.79 15.30
N ALA C 74 -10.31 18.86 15.67
CA ALA C 74 -10.09 19.17 17.08
C ALA C 74 -10.06 20.68 17.27
N ARG C 75 -10.25 21.10 18.52
CA ARG C 75 -10.27 22.51 18.86
C ARG C 75 -8.93 22.99 19.39
N PHE C 76 -8.33 23.94 18.70
CA PHE C 76 -7.07 24.53 19.13
C PHE C 76 -7.35 26.04 19.25
N GLY C 77 -7.29 26.56 20.46
CA GLY C 77 -7.55 27.99 20.66
C GLY C 77 -8.96 28.41 20.26
N GLY C 78 -9.93 27.53 20.46
CA GLY C 78 -11.31 27.84 20.13
C GLY C 78 -11.66 27.69 18.66
N ILE C 79 -10.67 27.31 17.86
CA ILE C 79 -10.87 27.15 16.43
C ILE C 79 -10.82 25.68 16.03
N PRO C 80 -11.78 25.22 15.21
CA PRO C 80 -11.74 23.82 14.79
C PRO C 80 -10.66 23.66 13.74
N ARG C 81 -9.82 22.64 13.88
CA ARG C 81 -8.75 22.39 12.91
C ARG C 81 -8.74 20.93 12.48
N GLN C 82 -8.40 20.68 11.22
CA GLN C 82 -8.38 19.31 10.71
C GLN C 82 -7.00 18.69 10.95
N VAL C 83 -6.97 17.56 11.64
CA VAL C 83 -5.73 16.87 11.96
C VAL C 83 -5.60 15.57 11.16
N SER C 84 -4.42 15.32 10.62
CA SER C 84 -4.15 14.10 9.87
C SER C 84 -2.74 13.66 10.22
N VAL C 85 -2.61 12.46 10.76
CA VAL C 85 -1.29 11.97 11.16
C VAL C 85 -1.01 10.58 10.61
N PRO C 86 -0.03 10.46 9.69
CA PRO C 86 0.26 9.12 9.17
C PRO C 86 0.67 8.21 10.32
N LEU C 87 0.28 6.95 10.25
CA LEU C 87 0.58 6.00 11.32
C LEU C 87 2.07 5.94 11.67
N ALA C 88 2.93 6.13 10.68
CA ALA C 88 4.35 6.09 10.92
C ALA C 88 4.82 7.16 11.92
N ALA C 89 4.09 8.27 11.98
CA ALA C 89 4.44 9.37 12.88
C ALA C 89 3.84 9.22 14.29
N VAL C 90 3.08 8.16 14.51
CA VAL C 90 2.48 7.96 15.84
C VAL C 90 3.48 7.15 16.65
N LEU C 91 4.11 7.81 17.62
CA LEU C 91 5.11 7.21 18.48
C LEU C 91 4.57 6.40 19.64
N ALA C 92 3.48 6.87 20.23
CA ALA C 92 2.93 6.18 21.39
C ALA C 92 1.53 6.63 21.74
N ILE C 93 0.92 5.91 22.68
CA ILE C 93 -0.41 6.24 23.15
C ILE C 93 -0.39 6.02 24.65
N TYR C 94 -0.76 7.04 25.40
CA TYR C 94 -0.78 6.98 26.87
C TYR C 94 -1.98 7.68 27.46
N ALA C 95 -2.32 7.32 28.69
CA ALA C 95 -3.43 7.95 29.40
C ALA C 95 -2.84 9.20 30.06
N ARG C 96 -3.58 10.30 30.01
CA ARG C 96 -3.12 11.54 30.61
C ARG C 96 -3.03 11.44 32.12
N GLU C 97 -3.98 10.75 32.73
CA GLU C 97 -3.98 10.66 34.18
C GLU C 97 -2.90 9.80 34.83
N ASN C 98 -2.40 8.78 34.14
CA ASN C 98 -1.38 7.93 34.76
C ASN C 98 -0.24 7.43 33.88
N GLY C 99 -0.26 7.75 32.60
CA GLY C 99 0.81 7.31 31.73
C GLY C 99 0.70 5.86 31.28
N ALA C 100 -0.45 5.25 31.51
CA ALA C 100 -0.68 3.86 31.10
C ALA C 100 -0.76 3.84 29.58
N GLY C 101 -0.11 2.86 28.96
CA GLY C 101 -0.15 2.77 27.52
C GLY C 101 1.10 2.10 26.95
N THR C 102 1.57 2.56 25.80
CA THR C 102 2.74 1.94 25.21
C THR C 102 3.39 2.76 24.11
N MET C 103 4.68 2.52 23.90
CA MET C 103 5.42 3.18 22.84
C MET C 103 5.52 2.11 21.77
N PHE C 104 5.02 2.40 20.59
CA PHE C 104 5.02 1.43 19.51
C PHE C 104 6.39 1.02 18.99
N GLU C 105 6.54 -0.26 18.70
CA GLU C 105 7.80 -0.77 18.18
C GLU C 105 7.95 -0.36 16.73
N PRO C 106 9.19 -0.32 16.23
CA PRO C 106 9.45 0.06 14.84
C PRO C 106 8.81 -0.92 13.86
N GLU C 107 8.39 -0.40 12.71
CA GLU C 107 7.76 -1.22 11.70
C GLU C 107 8.58 -1.13 10.43
N ALA C 108 8.83 -2.27 9.80
CA ALA C 108 9.62 -2.29 8.57
C ALA C 108 8.94 -1.46 7.48
N ALA C 109 7.60 -1.46 7.48
CA ALA C 109 6.85 -0.72 6.48
C ALA C 109 7.09 0.79 6.56
N TYR C 110 7.42 1.27 7.76
CA TYR C 110 7.65 2.69 7.97
C TYR C 110 9.12 3.06 7.87
N ASP C 111 9.99 2.05 7.74
CA ASP C 111 11.42 2.31 7.68
C ASP C 111 11.88 2.52 6.23
N GLN D 5 -4.66 -2.76 39.24
CA GLN D 5 -5.57 -1.57 39.26
C GLN D 5 -6.39 -1.52 37.98
N LEU D 6 -5.71 -1.45 36.84
CA LEU D 6 -6.37 -1.40 35.54
C LEU D 6 -6.67 -2.81 35.06
N THR D 7 -7.69 -2.94 34.22
CA THR D 7 -8.07 -4.25 33.67
C THR D 7 -6.95 -4.79 32.80
N PRO D 8 -6.95 -6.11 32.55
CA PRO D 8 -5.90 -6.70 31.70
C PRO D 8 -6.11 -6.26 30.26
N ARG D 9 -5.03 -6.16 29.50
CA ARG D 9 -5.16 -5.74 28.11
C ARG D 9 -5.10 -6.91 27.12
N ARG D 10 -4.82 -8.09 27.63
CA ARG D 10 -4.72 -9.29 26.79
C ARG D 10 -5.87 -9.44 25.78
N PRO D 11 -7.13 -9.29 26.24
CA PRO D 11 -8.26 -9.42 25.32
C PRO D 11 -8.28 -8.40 24.17
N TYR D 12 -7.80 -7.19 24.44
CA TYR D 12 -7.77 -6.17 23.40
C TYR D 12 -6.67 -6.53 22.41
N LEU D 13 -5.56 -7.02 22.94
CA LEU D 13 -4.45 -7.41 22.09
C LEU D 13 -4.85 -8.63 21.26
N LEU D 14 -5.61 -9.53 21.87
CA LEU D 14 -6.05 -10.74 21.16
C LEU D 14 -6.89 -10.33 19.94
N ARG D 15 -7.91 -9.50 20.18
CA ARG D 15 -8.76 -9.03 19.09
C ARG D 15 -7.92 -8.29 18.04
N ALA D 16 -6.95 -7.50 18.49
CA ALA D 16 -6.11 -6.75 17.55
C ALA D 16 -5.33 -7.69 16.63
N PHE D 17 -4.70 -8.71 17.20
CA PHE D 17 -3.94 -9.65 16.39
C PHE D 17 -4.83 -10.50 15.52
N TYR D 18 -6.01 -10.83 16.04
CA TYR D 18 -6.96 -11.62 15.28
C TYR D 18 -7.33 -10.88 14.00
N GLU D 19 -7.69 -9.61 14.14
CA GLU D 19 -8.06 -8.78 12.98
C GLU D 19 -6.89 -8.63 12.03
N TRP D 20 -5.71 -8.37 12.58
CA TRP D 20 -4.50 -8.19 11.79
C TRP D 20 -4.18 -9.43 10.97
N LEU D 21 -4.25 -10.60 11.60
CA LEU D 21 -3.97 -11.84 10.88
C LEU D 21 -4.97 -12.06 9.76
N LEU D 22 -6.25 -11.86 10.04
CA LEU D 22 -7.29 -12.04 9.05
C LEU D 22 -7.12 -11.07 7.89
N ASP D 23 -6.78 -9.82 8.20
CA ASP D 23 -6.59 -8.82 7.17
C ASP D 23 -5.42 -9.13 6.24
N ASN D 24 -4.51 -9.99 6.71
CA ASN D 24 -3.36 -10.40 5.90
C ASN D 24 -3.64 -11.78 5.29
N GLN D 25 -4.90 -12.18 5.33
CA GLN D 25 -5.34 -13.46 4.78
C GLN D 25 -4.66 -14.66 5.44
N LEU D 26 -4.39 -14.57 6.74
CA LEU D 26 -3.77 -15.70 7.44
C LEU D 26 -4.84 -16.40 8.26
N THR D 27 -4.48 -17.54 8.85
CA THR D 27 -5.43 -18.33 9.64
C THR D 27 -5.08 -18.32 11.12
N PRO D 28 -5.75 -17.45 11.91
CA PRO D 28 -5.49 -17.36 13.35
C PRO D 28 -5.80 -18.61 14.19
N HIS D 29 -4.82 -19.01 14.98
CA HIS D 29 -4.93 -20.15 15.87
C HIS D 29 -4.56 -19.72 17.29
N LEU D 30 -5.23 -20.28 18.29
CA LEU D 30 -4.94 -19.95 19.67
C LEU D 30 -4.20 -21.11 20.31
N VAL D 31 -3.25 -20.80 21.19
CA VAL D 31 -2.52 -21.82 21.93
C VAL D 31 -3.12 -21.63 23.32
N VAL D 32 -3.68 -22.69 23.89
CA VAL D 32 -4.33 -22.60 25.18
C VAL D 32 -3.80 -23.53 26.26
N ASP D 33 -3.80 -23.05 27.50
CA ASP D 33 -3.36 -23.81 28.66
C ASP D 33 -4.61 -24.48 29.21
N VAL D 34 -4.75 -25.78 28.97
CA VAL D 34 -5.93 -26.52 29.42
C VAL D 34 -5.89 -26.93 30.88
N THR D 35 -4.86 -26.49 31.60
CA THR D 35 -4.70 -26.81 33.02
C THR D 35 -5.47 -25.86 33.92
N LEU D 36 -5.66 -24.63 33.47
CA LEU D 36 -6.36 -23.63 34.25
C LEU D 36 -7.84 -23.94 34.42
N PRO D 37 -8.43 -23.45 35.52
CA PRO D 37 -9.85 -23.68 35.80
C PRO D 37 -10.75 -22.87 34.88
N GLY D 38 -11.87 -23.46 34.47
CA GLY D 38 -12.80 -22.76 33.60
C GLY D 38 -12.64 -23.11 32.13
N VAL D 39 -11.55 -23.79 31.78
CA VAL D 39 -11.31 -24.16 30.40
C VAL D 39 -12.27 -25.28 29.98
N GLN D 40 -12.98 -25.06 28.88
CA GLN D 40 -13.92 -26.05 28.36
C GLN D 40 -13.60 -26.36 26.91
N VAL D 41 -12.77 -27.38 26.72
CA VAL D 41 -12.37 -27.84 25.40
C VAL D 41 -12.33 -29.35 25.42
N PRO D 42 -12.40 -29.98 24.24
CA PRO D 42 -12.36 -31.44 24.24
C PRO D 42 -10.95 -31.87 24.65
N MET D 43 -10.82 -32.41 25.85
CA MET D 43 -9.51 -32.81 26.36
C MET D 43 -8.77 -33.87 25.55
N GLU D 44 -9.47 -34.63 24.71
CA GLU D 44 -8.78 -35.65 23.90
C GLU D 44 -7.86 -34.99 22.89
N TYR D 45 -8.15 -33.72 22.57
CA TYR D 45 -7.34 -32.99 21.59
C TYR D 45 -6.20 -32.20 22.20
N ALA D 46 -6.09 -32.23 23.53
CA ALA D 46 -5.04 -31.51 24.21
C ALA D 46 -3.89 -32.48 24.47
N ARG D 47 -2.67 -31.95 24.54
CA ARG D 47 -1.49 -32.76 24.81
C ARG D 47 -0.50 -31.96 25.65
N ASP D 48 0.00 -32.59 26.70
CA ASP D 48 0.96 -31.99 27.61
C ASP D 48 0.53 -30.62 28.16
N GLY D 49 -0.72 -30.54 28.64
CA GLY D 49 -1.21 -29.32 29.23
C GLY D 49 -1.71 -28.22 28.31
N GLN D 50 -1.69 -28.43 27.00
CA GLN D 50 -2.18 -27.42 26.09
C GLN D 50 -2.86 -27.95 24.85
N ILE D 51 -3.53 -27.05 24.13
CA ILE D 51 -4.25 -27.40 22.91
C ILE D 51 -4.17 -26.24 21.93
N VAL D 52 -4.29 -26.54 20.65
CA VAL D 52 -4.27 -25.52 19.61
C VAL D 52 -5.66 -25.50 18.99
N LEU D 53 -6.22 -24.29 18.85
CA LEU D 53 -7.55 -24.13 18.27
C LEU D 53 -7.55 -23.17 17.10
N ASN D 54 -8.18 -23.57 16.01
CA ASN D 54 -8.28 -22.75 14.82
C ASN D 54 -9.49 -21.84 15.02
N ILE D 55 -9.29 -20.52 15.04
CA ILE D 55 -10.44 -19.64 15.22
C ILE D 55 -10.77 -18.78 14.02
N ALA D 56 -10.31 -19.20 12.84
CA ALA D 56 -10.61 -18.49 11.61
C ALA D 56 -12.08 -18.77 11.33
N PRO D 57 -12.74 -17.86 10.62
CA PRO D 57 -14.16 -17.96 10.27
C PRO D 57 -14.61 -19.33 9.74
N ARG D 58 -13.82 -19.89 8.83
CA ARG D 58 -14.12 -21.19 8.25
C ARG D 58 -14.16 -22.35 9.23
N ALA D 59 -13.51 -22.19 10.39
CA ALA D 59 -13.47 -23.27 11.36
C ALA D 59 -14.28 -23.01 12.62
N VAL D 60 -14.99 -21.88 12.67
CA VAL D 60 -15.74 -21.57 13.87
C VAL D 60 -17.14 -21.03 13.59
N GLY D 61 -17.97 -21.03 14.63
CA GLY D 61 -19.33 -20.52 14.53
C GLY D 61 -19.61 -19.70 15.79
N ASN D 62 -20.30 -18.57 15.64
CA ASN D 62 -20.62 -17.74 16.79
C ASN D 62 -19.38 -17.42 17.62
N LEU D 63 -18.31 -17.00 16.95
CA LEU D 63 -17.08 -16.67 17.68
C LEU D 63 -17.25 -15.42 18.52
N GLU D 64 -16.85 -15.52 19.78
CA GLU D 64 -16.92 -14.39 20.71
C GLU D 64 -15.54 -14.16 21.34
N LEU D 65 -14.91 -13.06 20.97
CA LEU D 65 -13.61 -12.74 21.55
C LEU D 65 -13.93 -11.69 22.60
N ALA D 66 -14.43 -12.14 23.74
CA ALA D 66 -14.81 -11.24 24.83
C ALA D 66 -13.63 -10.94 25.76
N ASN D 67 -13.90 -10.10 26.76
CA ASN D 67 -12.86 -9.73 27.71
C ASN D 67 -12.67 -10.82 28.76
N ASP D 68 -13.75 -11.52 29.10
CA ASP D 68 -13.67 -12.56 30.11
C ASP D 68 -13.24 -13.91 29.55
N GLU D 69 -13.76 -14.26 28.38
CA GLU D 69 -13.39 -15.52 27.76
C GLU D 69 -13.66 -15.55 26.26
N VAL D 70 -13.03 -16.52 25.61
CA VAL D 70 -13.19 -16.72 24.17
C VAL D 70 -14.18 -17.86 24.04
N ARG D 71 -15.26 -17.65 23.29
CA ARG D 71 -16.27 -18.67 23.11
C ARG D 71 -16.62 -18.89 21.65
N PHE D 72 -16.92 -20.14 21.30
CA PHE D 72 -17.30 -20.46 19.93
C PHE D 72 -17.67 -21.93 19.77
N ASN D 73 -18.34 -22.24 18.67
CA ASN D 73 -18.72 -23.60 18.36
C ASN D 73 -17.74 -24.07 17.30
N ALA D 74 -17.29 -25.31 17.40
CA ALA D 74 -16.35 -25.85 16.42
C ALA D 74 -16.61 -27.35 16.25
N ARG D 75 -16.03 -27.92 15.20
CA ARG D 75 -16.22 -29.34 14.92
C ARG D 75 -14.95 -30.12 15.17
N PHE D 76 -15.04 -31.12 16.04
CA PHE D 76 -13.90 -31.97 16.35
C PHE D 76 -14.21 -33.38 15.89
N GLY D 77 -13.51 -33.82 14.84
CA GLY D 77 -13.73 -35.16 14.31
C GLY D 77 -15.17 -35.54 14.04
N GLY D 78 -15.91 -34.64 13.40
CA GLY D 78 -17.30 -34.94 13.09
C GLY D 78 -18.35 -34.59 14.14
N ILE D 79 -17.92 -34.12 15.31
CA ILE D 79 -18.85 -33.76 16.36
C ILE D 79 -18.80 -32.27 16.70
N PRO D 80 -19.93 -31.56 16.59
CA PRO D 80 -19.99 -30.13 16.90
C PRO D 80 -19.75 -29.99 18.40
N ARG D 81 -18.90 -29.04 18.78
CA ARG D 81 -18.58 -28.83 20.18
C ARG D 81 -18.60 -27.36 20.59
N GLN D 82 -18.95 -27.12 21.85
CA GLN D 82 -19.00 -25.77 22.42
C GLN D 82 -17.67 -25.55 23.12
N VAL D 83 -16.97 -24.48 22.75
CA VAL D 83 -15.69 -24.19 23.37
C VAL D 83 -15.74 -22.89 24.15
N SER D 84 -15.18 -22.91 25.36
CA SER D 84 -15.15 -21.72 26.20
C SER D 84 -13.79 -21.71 26.85
N VAL D 85 -13.07 -20.60 26.67
CA VAL D 85 -11.73 -20.46 27.23
C VAL D 85 -11.55 -19.12 27.93
N PRO D 86 -11.27 -19.13 29.24
CA PRO D 86 -11.09 -17.89 29.98
C PRO D 86 -9.81 -17.24 29.44
N LEU D 87 -9.79 -15.91 29.31
CA LEU D 87 -8.61 -15.23 28.78
C LEU D 87 -7.30 -15.61 29.47
N ALA D 88 -7.37 -15.94 30.76
CA ALA D 88 -6.18 -16.31 31.50
C ALA D 88 -5.51 -17.53 30.86
N ALA D 89 -6.31 -18.37 30.23
CA ALA D 89 -5.80 -19.58 29.60
C ALA D 89 -5.27 -19.39 28.17
N VAL D 90 -5.51 -18.23 27.58
CA VAL D 90 -5.00 -18.01 26.22
C VAL D 90 -3.54 -17.57 26.29
N LEU D 91 -2.65 -18.44 25.81
CA LEU D 91 -1.23 -18.15 25.85
C LEU D 91 -0.72 -17.35 24.67
N ALA D 92 -1.32 -17.56 23.50
CA ALA D 92 -0.87 -16.86 22.30
C ALA D 92 -1.81 -17.03 21.13
N ILE D 93 -1.54 -16.26 20.08
CA ILE D 93 -2.31 -16.35 18.85
C ILE D 93 -1.28 -16.28 17.72
N TYR D 94 -1.32 -17.26 16.83
CA TYR D 94 -0.38 -17.30 15.72
C TYR D 94 -1.08 -17.72 14.44
N ALA D 95 -0.47 -17.38 13.31
CA ALA D 95 -1.02 -17.77 12.03
C ALA D 95 -0.49 -19.18 11.76
N ARG D 96 -1.37 -20.06 11.29
CA ARG D 96 -0.98 -21.43 10.99
C ARG D 96 0.09 -21.49 9.91
N GLU D 97 -0.06 -20.66 8.89
CA GLU D 97 0.88 -20.67 7.78
C GLU D 97 2.32 -20.22 8.03
N ASN D 98 2.52 -19.21 8.87
CA ASN D 98 3.88 -18.72 9.11
C ASN D 98 4.28 -18.45 10.56
N GLY D 99 3.36 -18.64 11.49
CA GLY D 99 3.69 -18.40 12.89
C GLY D 99 3.67 -16.95 13.31
N ALA D 100 3.22 -16.07 12.42
CA ALA D 100 3.14 -14.65 12.74
C ALA D 100 2.14 -14.52 13.88
N GLY D 101 2.45 -13.69 14.86
CA GLY D 101 1.55 -13.52 15.99
C GLY D 101 2.29 -13.17 17.25
N THR D 102 1.71 -13.47 18.40
CA THR D 102 2.37 -13.13 19.65
C THR D 102 2.04 -14.03 20.83
N MET D 103 2.96 -14.11 21.77
CA MET D 103 2.77 -14.89 22.98
C MET D 103 2.49 -13.84 24.03
N PHE D 104 1.28 -13.84 24.57
CA PHE D 104 0.89 -12.85 25.56
C PHE D 104 1.75 -12.88 26.82
N GLU D 105 1.90 -11.72 27.44
CA GLU D 105 2.70 -11.64 28.66
C GLU D 105 1.80 -11.78 29.86
N PRO D 106 2.33 -12.31 30.97
CA PRO D 106 1.49 -12.48 32.16
C PRO D 106 0.97 -11.15 32.69
N GLU D 107 -0.20 -11.18 33.30
CA GLU D 107 -0.80 -9.98 33.87
C GLU D 107 -1.40 -10.31 35.24
N ALA D 108 -1.28 -9.37 36.16
CA ALA D 108 -1.78 -9.55 37.52
C ALA D 108 -3.16 -10.21 37.57
N ALA D 109 -4.15 -9.59 36.95
CA ALA D 109 -5.52 -10.11 36.92
C ALA D 109 -5.57 -11.61 36.69
N TYR D 110 -4.54 -12.15 36.06
CA TYR D 110 -4.47 -13.58 35.78
C TYR D 110 -3.54 -14.27 36.78
N ASP D 111 -3.85 -14.14 38.07
CA ASP D 111 -3.04 -14.76 39.11
C ASP D 111 -3.44 -16.21 39.34
N GLU E 1 -2.96 13.19 4.03
CA GLU E 1 -1.79 13.83 4.69
C GLU E 1 -1.39 15.15 4.04
N ALA E 2 -0.57 15.91 4.75
CA ALA E 2 -0.09 17.20 4.30
C ALA E 2 1.03 17.07 3.26
N GLN E 3 1.13 18.07 2.39
CA GLN E 3 2.18 18.07 1.39
C GLN E 3 3.50 18.29 2.13
N PRO E 4 4.60 17.79 1.58
CA PRO E 4 5.92 17.93 2.21
C PRO E 4 6.45 19.36 2.13
N ALA E 5 7.08 19.79 3.22
CA ALA E 5 7.66 21.13 3.25
C ALA E 5 9.04 21.01 2.62
N PRO E 6 9.63 22.14 2.18
CA PRO E 6 10.96 22.12 1.58
C PRO E 6 12.02 21.38 2.38
N HIS E 7 12.12 21.65 3.68
CA HIS E 7 13.12 20.97 4.50
C HIS E 7 12.88 19.46 4.51
N GLN E 8 11.65 19.05 4.19
CA GLN E 8 11.31 17.65 4.16
C GLN E 8 11.64 17.00 2.80
N TRP E 9 11.13 17.55 1.70
CA TRP E 9 11.47 16.91 0.43
C TRP E 9 12.95 16.99 0.08
N GLN E 10 13.66 17.97 0.61
CA GLN E 10 15.09 18.08 0.31
C GLN E 10 15.90 16.96 1.00
N LYS E 11 15.24 16.20 1.86
CA LYS E 11 15.88 15.10 2.57
C LYS E 11 15.51 13.77 1.93
N MET E 12 14.61 13.81 0.96
CA MET E 12 14.17 12.59 0.28
C MET E 12 15.27 12.00 -0.60
N PRO E 13 15.30 10.66 -0.69
CA PRO E 13 16.28 9.88 -1.47
C PRO E 13 16.54 10.38 -2.89
N PHE E 14 15.48 10.79 -3.58
CA PHE E 14 15.59 11.23 -4.95
C PHE E 14 16.02 12.68 -5.19
N TRP E 15 16.03 13.50 -4.15
CA TRP E 15 16.41 14.89 -4.40
C TRP E 15 17.85 15.06 -4.88
N GLN E 16 18.71 14.11 -4.52
CA GLN E 16 20.11 14.17 -4.96
C GLN E 16 20.16 14.06 -6.48
N LYS E 17 19.20 13.32 -7.05
CA LYS E 17 19.14 13.13 -8.50
C LYS E 17 18.73 14.43 -9.18
N VAL E 18 18.05 15.31 -8.43
CA VAL E 18 17.60 16.58 -8.96
C VAL E 18 18.50 17.73 -8.53
N GLU F 1 -8.00 -7.19 -40.14
CA GLU F 1 -6.74 -7.25 -40.92
C GLU F 1 -5.89 -8.43 -40.46
N ALA F 2 -5.30 -9.14 -41.42
CA ALA F 2 -4.46 -10.31 -41.13
C ALA F 2 -3.07 -9.93 -40.63
N GLN F 3 -2.48 -10.81 -39.81
CA GLN F 3 -1.14 -10.58 -39.27
C GLN F 3 -0.11 -10.64 -40.39
N PRO F 4 1.02 -9.93 -40.20
CA PRO F 4 2.08 -9.91 -41.21
C PRO F 4 2.89 -11.21 -41.33
N ALA F 5 3.16 -11.62 -42.56
CA ALA F 5 3.97 -12.80 -42.80
C ALA F 5 5.41 -12.33 -42.62
N PRO F 6 6.34 -13.24 -42.32
CA PRO F 6 7.74 -12.86 -42.13
C PRO F 6 8.31 -11.97 -43.22
N HIS F 7 7.97 -12.26 -44.48
CA HIS F 7 8.50 -11.45 -45.57
C HIS F 7 7.95 -10.03 -45.55
N GLN F 8 6.89 -9.83 -44.77
CA GLN F 8 6.31 -8.50 -44.64
C GLN F 8 6.91 -7.79 -43.42
N TRP F 9 6.88 -8.44 -42.26
CA TRP F 9 7.41 -7.77 -41.08
C TRP F 9 8.93 -7.60 -41.06
N GLN F 10 9.65 -8.40 -41.84
CA GLN F 10 11.09 -8.25 -41.88
C GLN F 10 11.48 -7.00 -42.65
N LYS F 11 10.51 -6.38 -43.31
CA LYS F 11 10.76 -5.17 -44.08
C LYS F 11 10.36 -3.88 -43.33
N MET F 12 9.81 -4.03 -42.13
CA MET F 12 9.38 -2.86 -41.37
C MET F 12 10.52 -1.99 -40.81
N PRO F 13 10.28 -0.67 -40.74
CA PRO F 13 11.16 0.42 -40.27
C PRO F 13 11.96 0.22 -38.99
N PHE F 14 11.53 -0.69 -38.13
CA PHE F 14 12.25 -0.90 -36.88
C PHE F 14 13.31 -1.98 -36.88
N TRP F 15 13.99 -2.13 -38.02
CA TRP F 15 15.05 -3.13 -38.15
C TRP F 15 16.40 -2.49 -38.47
N GLU G 1 -13.53 19.22 24.98
CA GLU G 1 -12.38 20.02 25.52
C GLU G 1 -11.38 20.35 24.41
N ALA G 2 -10.63 21.43 24.64
CA ALA G 2 -9.64 21.88 23.69
C ALA G 2 -8.36 21.07 23.81
N GLN G 3 -7.62 20.98 22.72
CA GLN G 3 -6.37 20.25 22.72
C GLN G 3 -5.43 20.95 23.67
N PRO G 4 -4.57 20.19 24.36
CA PRO G 4 -3.60 20.75 25.31
C PRO G 4 -2.52 21.60 24.67
N ALA G 5 -2.19 22.72 25.33
CA ALA G 5 -1.14 23.59 24.83
C ALA G 5 0.17 22.98 25.30
N PRO G 6 1.28 23.31 24.62
CA PRO G 6 2.59 22.77 24.99
C PRO G 6 2.92 22.89 26.47
N HIS G 7 2.61 24.02 27.09
CA HIS G 7 2.92 24.20 28.51
C HIS G 7 2.12 23.21 29.35
N GLN G 8 1.09 22.62 28.75
CA GLN G 8 0.27 21.64 29.45
C GLN G 8 0.74 20.20 29.17
N TRP G 9 0.85 19.84 27.90
CA TRP G 9 1.26 18.47 27.60
C TRP G 9 2.72 18.17 27.92
N GLN G 10 3.55 19.20 28.03
CA GLN G 10 4.95 18.94 28.35
C GLN G 10 5.10 18.50 29.81
N LYS G 11 4.06 18.75 30.61
CA LYS G 11 4.09 18.38 32.02
C LYS G 11 3.45 17.01 32.28
N MET G 12 2.82 16.45 31.25
CA MET G 12 2.18 15.16 31.42
C MET G 12 3.11 14.02 31.81
N PRO G 13 2.65 13.17 32.74
CA PRO G 13 3.38 12.01 33.28
C PRO G 13 4.21 11.28 32.25
N PHE G 14 3.52 10.52 31.39
CA PHE G 14 4.18 9.76 30.35
C PHE G 14 5.29 10.53 29.65
N TRP G 15 6.49 9.95 29.67
CA TRP G 15 7.68 10.53 29.06
C TRP G 15 8.97 9.86 29.54
N GLU H 1 -14.61 -26.34 8.47
CA GLU H 1 -13.29 -27.02 8.61
C GLU H 1 -13.13 -27.56 10.03
N ALA H 2 -12.76 -28.83 10.16
CA ALA H 2 -12.60 -29.43 11.47
C ALA H 2 -11.33 -28.93 12.17
N GLN H 3 -11.36 -28.93 13.49
CA GLN H 3 -10.23 -28.50 14.29
C GLN H 3 -9.06 -29.47 14.09
N PRO H 4 -7.82 -29.00 14.26
CA PRO H 4 -6.66 -29.87 14.09
C PRO H 4 -6.47 -30.86 15.23
N ALA H 5 -6.08 -32.09 14.87
CA ALA H 5 -5.81 -33.13 15.87
C ALA H 5 -4.39 -32.90 16.36
N PRO H 6 -4.04 -33.43 17.53
CA PRO H 6 -2.69 -33.28 18.11
C PRO H 6 -1.55 -33.51 17.13
N HIS H 7 -1.58 -34.61 16.38
CA HIS H 7 -0.50 -34.87 15.44
C HIS H 7 -0.42 -33.80 14.37
N GLN H 8 -1.52 -33.08 14.18
CA GLN H 8 -1.56 -32.02 13.18
C GLN H 8 -0.99 -30.72 13.76
N TRP H 9 -1.60 -30.22 14.82
CA TRP H 9 -1.14 -28.95 15.40
C TRP H 9 0.22 -28.96 16.07
N GLN H 10 0.72 -30.14 16.43
CA GLN H 10 2.03 -30.20 17.05
C GLN H 10 3.11 -29.91 16.00
N LYS H 11 2.70 -29.90 14.73
CA LYS H 11 3.62 -29.64 13.62
C LYS H 11 3.59 -28.19 13.12
N MET H 12 2.81 -27.35 13.78
CA MET H 12 2.70 -25.95 13.36
C MET H 12 3.87 -25.10 13.90
N PRO H 13 4.16 -23.98 13.20
CA PRO H 13 5.24 -23.04 13.57
C PRO H 13 4.95 -22.24 14.84
N PHE H 14 4.59 -22.92 15.92
CA PHE H 14 4.25 -22.24 17.17
C PHE H 14 5.29 -22.42 18.27
N TRP H 15 6.32 -23.20 18.00
CA TRP H 15 7.35 -23.44 19.01
C TRP H 15 8.76 -23.34 18.46
#